data_4KVA
#
_entry.id   4KVA
#
_cell.length_a   160.800
_cell.length_b   47.040
_cell.length_c   95.480
_cell.angle_alpha   90.000
_cell.angle_beta   112.610
_cell.angle_gamma   90.000
#
_symmetry.space_group_name_H-M   'C 1 2 1'
#
loop_
_entity.id
_entity.type
_entity.pdbx_description
1 polymer Septin
2 non-polymer "GUANOSINE-5'-TRIPHOSPHATE"
3 non-polymer 'MAGNESIUM ION'
4 water water
#
_entity_poly.entity_id   1
_entity_poly.type   'polypeptide(L)'
_entity_poly.pdbx_seq_one_letter_code
;MTADVLKALPPDVRTLKLSGHVGFDSLPDQLVNKAISQGFVFNILCVGETGIGKSTLLETLFNQKFDFSPSTHDLTDPKL
KAVTYDLKEANVKLKLTVVETCGYGDQINKENNIKPVVDYIDNQFENYLQEELKMKRSMQAFHDTRVHVCLYFIAPTGHS
LKSIDLVAMKKLENKVNVIPVIAKSDTITKSELQKFKARILSEIQSNEIGIYQFPTDDEAVSETNSVMNQHIPFAVVGSS
EEVKINGKTVRVRQYPWGSVQVENENHCDFVRLREMLLRVNMEDLRERTHGVHYETYRRQRLIEMGFRDDEKMSLQETYE
KRRELQRKELQQKEEEMRQMFVQRVKEKEQVLKEAERELQTKFESLKKTHAEEKKKLEEKKRFLEEEIAAFERRKQLAEQ
ARQGNLTMKKRK
;
_entity_poly.pdbx_strand_id   A,B
#
# COMPACT_ATOMS: atom_id res chain seq x y z
N PHE A 40 6.41 -24.51 -26.95
CA PHE A 40 6.88 -23.14 -26.78
C PHE A 40 7.01 -22.80 -25.31
N VAL A 41 8.24 -22.59 -24.85
CA VAL A 41 8.47 -22.25 -23.45
C VAL A 41 8.45 -20.75 -23.23
N PHE A 42 7.98 -20.35 -22.05
CA PHE A 42 7.95 -18.94 -21.68
C PHE A 42 7.93 -18.79 -20.16
N ASN A 43 8.89 -18.05 -19.63
CA ASN A 43 9.05 -17.92 -18.19
C ASN A 43 8.89 -16.48 -17.72
N ILE A 44 7.93 -16.27 -16.84
CA ILE A 44 7.62 -14.93 -16.35
C ILE A 44 7.81 -14.81 -14.85
N LEU A 45 8.42 -13.70 -14.42
CA LEU A 45 8.68 -13.46 -13.01
C LEU A 45 7.90 -12.24 -12.51
N CYS A 46 7.19 -12.41 -11.40
CA CYS A 46 6.47 -11.30 -10.78
C CYS A 46 7.14 -10.88 -9.48
N VAL A 47 7.67 -9.66 -9.45
CA VAL A 47 8.30 -9.12 -8.26
C VAL A 47 7.44 -8.03 -7.65
N GLY A 48 7.08 -8.19 -6.38
CA GLY A 48 6.27 -7.21 -5.69
C GLY A 48 6.01 -7.58 -4.24
N GLU A 49 5.63 -6.59 -3.44
CA GLU A 49 5.36 -6.80 -2.02
C GLU A 49 4.15 -7.70 -1.82
N THR A 50 3.98 -8.18 -0.59
CA THR A 50 2.90 -9.09 -0.25
C THR A 50 1.52 -8.46 -0.48
N GLY A 51 0.64 -9.20 -1.17
CA GLY A 51 -0.72 -8.76 -1.38
C GLY A 51 -0.87 -7.65 -2.40
N ILE A 52 0.14 -7.47 -3.25
CA ILE A 52 0.12 -6.40 -4.23
C ILE A 52 -0.66 -6.79 -5.50
N GLY A 53 -1.00 -8.07 -5.60
CA GLY A 53 -1.85 -8.54 -6.69
C GLY A 53 -1.14 -9.35 -7.76
N LYS A 54 -0.02 -9.98 -7.38
CA LYS A 54 0.77 -10.76 -8.31
C LYS A 54 0.01 -11.96 -8.88
N SER A 55 -0.55 -12.77 -8.00
CA SER A 55 -1.27 -13.98 -8.41
C SER A 55 -2.50 -13.67 -9.25
N THR A 56 -3.25 -12.65 -8.85
CA THR A 56 -4.48 -12.27 -9.54
C THR A 56 -4.20 -11.82 -10.97
N LEU A 57 -3.14 -11.04 -11.15
CA LEU A 57 -2.77 -10.55 -12.47
C LEU A 57 -2.35 -11.70 -13.39
N LEU A 58 -1.64 -12.68 -12.83
CA LEU A 58 -1.23 -13.86 -13.59
C LEU A 58 -2.44 -14.67 -14.01
N GLU A 59 -3.39 -14.80 -13.09
CA GLU A 59 -4.65 -15.49 -13.38
C GLU A 59 -5.43 -14.76 -14.47
N THR A 60 -5.43 -13.44 -14.42
CA THR A 60 -6.17 -12.63 -15.37
C THR A 60 -5.48 -12.65 -16.74
N LEU A 61 -4.15 -12.69 -16.71
CA LEU A 61 -3.35 -12.71 -17.94
C LEU A 61 -3.61 -13.96 -18.77
N PHE A 62 -3.59 -15.13 -18.11
CA PHE A 62 -3.71 -16.40 -18.81
C PHE A 62 -5.07 -17.07 -18.63
N ASN A 63 -5.99 -16.35 -17.99
CA ASN A 63 -7.37 -16.79 -17.82
C ASN A 63 -7.53 -18.15 -17.13
N GLN A 64 -6.71 -18.40 -16.12
CA GLN A 64 -6.80 -19.63 -15.34
C GLN A 64 -6.10 -19.51 -14.00
N LYS A 65 -6.43 -20.43 -13.08
CA LYS A 65 -5.83 -20.42 -11.76
C LYS A 65 -4.42 -21.01 -11.77
N PHE A 66 -3.58 -20.54 -10.87
CA PHE A 66 -2.23 -21.08 -10.71
C PHE A 66 -2.00 -21.50 -9.26
N ASP A 67 -1.78 -22.80 -9.04
CA ASP A 67 -1.57 -23.33 -7.69
C ASP A 67 -0.09 -23.62 -7.43
N PHE A 68 0.46 -22.96 -6.42
CA PHE A 68 1.87 -23.13 -6.06
C PHE A 68 2.04 -24.17 -4.96
N PRO A 78 12.42 -20.14 1.22
CA PRO A 78 11.02 -19.92 0.82
C PRO A 78 10.80 -18.49 0.32
N LYS A 79 11.72 -18.00 -0.52
CA LYS A 79 11.66 -16.63 -0.99
C LYS A 79 10.96 -16.52 -2.35
N LEU A 80 11.09 -17.57 -3.17
CA LEU A 80 10.43 -17.60 -4.46
C LEU A 80 9.66 -18.89 -4.66
N LYS A 81 8.53 -18.80 -5.37
CA LYS A 81 7.73 -19.98 -5.70
C LYS A 81 7.47 -20.04 -7.20
N ALA A 82 7.84 -21.16 -7.82
CA ALA A 82 7.66 -21.34 -9.25
C ALA A 82 6.85 -22.59 -9.55
N VAL A 83 6.00 -22.51 -10.56
CA VAL A 83 5.21 -23.67 -10.99
C VAL A 83 5.06 -23.66 -12.52
N THR A 84 5.09 -24.85 -13.11
CA THR A 84 5.02 -24.98 -14.56
C THR A 84 3.67 -25.53 -15.02
N TYR A 85 3.05 -24.84 -15.97
CA TYR A 85 1.78 -25.28 -16.53
C TYR A 85 1.85 -25.49 -18.04
N ASP A 86 1.09 -26.45 -18.53
CA ASP A 86 0.99 -26.70 -19.96
C ASP A 86 -0.33 -26.19 -20.49
N LEU A 87 -0.30 -25.05 -21.18
CA LEU A 87 -1.51 -24.40 -21.64
C LEU A 87 -1.84 -24.73 -23.09
N LYS A 88 -3.10 -25.10 -23.33
CA LYS A 88 -3.54 -25.48 -24.67
C LYS A 88 -4.72 -24.61 -25.12
N LYS A 93 -0.32 -24.58 -27.64
CA LYS A 93 1.00 -25.16 -27.38
C LYS A 93 1.91 -24.16 -26.67
N LEU A 94 1.91 -24.22 -25.34
CA LEU A 94 2.71 -23.28 -24.55
C LEU A 94 3.03 -23.87 -23.16
N LYS A 95 4.32 -24.07 -22.90
CA LYS A 95 4.75 -24.51 -21.58
C LYS A 95 5.17 -23.32 -20.73
N LEU A 96 4.27 -22.89 -19.85
CA LEU A 96 4.48 -21.68 -19.07
C LEU A 96 5.00 -21.97 -17.67
N THR A 97 6.00 -21.21 -17.24
CA THR A 97 6.47 -21.25 -15.87
C THR A 97 6.31 -19.89 -15.23
N VAL A 98 5.46 -19.81 -14.21
CA VAL A 98 5.27 -18.55 -13.48
C VAL A 98 6.03 -18.56 -12.16
N VAL A 99 6.77 -17.48 -11.91
CA VAL A 99 7.53 -17.36 -10.67
C VAL A 99 7.04 -16.15 -9.88
N GLU A 100 6.90 -16.31 -8.57
CA GLU A 100 6.35 -15.27 -7.72
C GLU A 100 7.17 -15.11 -6.44
N THR A 101 7.55 -13.88 -6.12
CA THR A 101 8.32 -13.61 -4.90
C THR A 101 7.47 -13.79 -3.65
N CYS A 102 8.12 -14.21 -2.56
CA CYS A 102 7.43 -14.43 -1.30
C CYS A 102 8.04 -13.57 -0.19
N GLY A 103 7.23 -12.70 0.40
CA GLY A 103 7.68 -11.84 1.47
C GLY A 103 8.65 -10.76 0.99
N TYR A 104 8.56 -10.40 -0.28
CA TYR A 104 9.43 -9.38 -0.85
C TYR A 104 9.15 -8.02 -0.20
N GLY A 105 10.20 -7.40 0.32
CA GLY A 105 10.07 -6.10 0.97
C GLY A 105 10.04 -6.23 2.49
N ASP A 106 9.85 -7.44 2.98
CA ASP A 106 9.82 -7.69 4.42
C ASP A 106 11.23 -7.89 4.96
N GLU A 111 17.98 -3.24 0.48
CA GLU A 111 19.39 -3.60 0.41
C GLU A 111 19.58 -5.03 -0.10
N ASN A 112 19.06 -6.00 0.65
CA ASN A 112 19.20 -7.40 0.30
C ASN A 112 17.89 -8.01 -0.18
N ASN A 113 16.86 -7.19 -0.30
CA ASN A 113 15.54 -7.65 -0.71
C ASN A 113 15.53 -8.31 -2.08
N ILE A 114 16.37 -7.83 -2.98
CA ILE A 114 16.37 -8.31 -4.36
C ILE A 114 17.34 -9.48 -4.56
N LYS A 115 18.15 -9.76 -3.55
CA LYS A 115 19.15 -10.84 -3.65
C LYS A 115 18.59 -12.22 -4.00
N PRO A 116 17.51 -12.67 -3.33
CA PRO A 116 16.96 -13.98 -3.74
C PRO A 116 16.40 -13.97 -5.16
N VAL A 117 15.95 -12.81 -5.63
CA VAL A 117 15.45 -12.69 -6.99
C VAL A 117 16.60 -12.83 -7.98
N VAL A 118 17.69 -12.09 -7.74
CA VAL A 118 18.88 -12.15 -8.57
C VAL A 118 19.48 -13.56 -8.57
N ASP A 119 19.55 -14.18 -7.40
CA ASP A 119 20.09 -15.52 -7.26
C ASP A 119 19.29 -16.54 -8.08
N TYR A 120 17.97 -16.43 -8.06
CA TYR A 120 17.12 -17.32 -8.85
C TYR A 120 17.44 -17.17 -10.34
N ILE A 121 17.52 -15.91 -10.80
CA ILE A 121 17.81 -15.61 -12.19
C ILE A 121 19.18 -16.16 -12.62
N ASP A 122 20.19 -15.95 -11.77
CA ASP A 122 21.54 -16.45 -12.05
C ASP A 122 21.58 -17.97 -12.11
N ASN A 123 20.79 -18.62 -11.27
CA ASN A 123 20.74 -20.08 -11.23
C ASN A 123 20.13 -20.69 -12.49
N GLN A 124 19.18 -19.98 -13.10
CA GLN A 124 18.58 -20.45 -14.36
C GLN A 124 19.59 -20.29 -15.48
N PHE A 125 20.34 -19.19 -15.44
CA PHE A 125 21.41 -18.94 -16.39
C PHE A 125 22.49 -20.02 -16.28
N GLU A 126 22.84 -20.36 -15.04
CA GLU A 126 23.88 -21.34 -14.76
C GLU A 126 23.50 -22.73 -15.25
N ASN A 127 22.24 -23.11 -15.05
CA ASN A 127 21.76 -24.41 -15.51
C ASN A 127 21.84 -24.52 -17.03
N TYR A 128 21.59 -23.40 -17.71
CA TYR A 128 21.64 -23.38 -19.17
C TYR A 128 23.08 -23.45 -19.65
N LEU A 129 23.97 -22.74 -18.96
CA LEU A 129 25.38 -22.70 -19.32
C LEU A 129 26.03 -24.07 -19.18
N GLN A 130 25.74 -24.75 -18.08
CA GLN A 130 26.29 -26.08 -17.84
C GLN A 130 25.81 -27.08 -18.88
N GLU A 131 24.58 -26.91 -19.34
CA GLU A 131 24.05 -27.74 -20.42
C GLU A 131 24.76 -27.44 -21.72
N GLU A 132 25.07 -26.16 -21.94
CA GLU A 132 25.75 -25.70 -23.13
C GLU A 132 27.19 -26.23 -23.19
N LEU A 133 27.78 -26.46 -22.02
CA LEU A 133 29.17 -26.90 -21.92
C LEU A 133 29.30 -28.42 -21.97
N LYS A 134 28.17 -29.13 -21.89
CA LYS A 134 28.18 -30.58 -21.87
C LYS A 134 28.75 -31.20 -23.14
N MET A 135 29.45 -32.32 -22.96
CA MET A 135 29.97 -33.10 -24.07
C MET A 135 28.81 -33.69 -24.86
N LYS A 136 27.94 -34.41 -24.15
CA LYS A 136 26.75 -35.01 -24.76
C LYS A 136 25.53 -34.15 -24.47
N ARG A 137 25.42 -33.03 -25.18
CA ARG A 137 24.35 -32.08 -24.94
C ARG A 137 23.19 -32.25 -25.93
N SER A 138 21.98 -31.96 -25.45
CA SER A 138 20.79 -32.00 -26.29
C SER A 138 19.91 -30.79 -25.96
N MET A 139 20.29 -29.64 -26.50
CA MET A 139 19.65 -28.36 -26.17
C MET A 139 18.15 -28.34 -26.48
N GLN A 140 17.75 -29.05 -27.52
CA GLN A 140 16.34 -29.10 -27.90
C GLN A 140 15.50 -29.79 -26.84
N ALA A 141 16.06 -30.83 -26.23
CA ALA A 141 15.35 -31.59 -25.20
C ALA A 141 15.46 -30.91 -23.83
N PHE A 142 16.38 -29.95 -23.73
CA PHE A 142 16.61 -29.25 -22.46
C PHE A 142 15.51 -28.23 -22.18
N HIS A 143 15.02 -28.24 -20.95
CA HIS A 143 13.99 -27.30 -20.53
C HIS A 143 14.59 -25.96 -20.13
N ASP A 144 14.41 -24.96 -20.98
CA ASP A 144 14.89 -23.61 -20.70
C ASP A 144 14.05 -22.99 -19.59
N THR A 145 14.70 -22.65 -18.48
CA THR A 145 13.99 -22.09 -17.33
C THR A 145 14.41 -20.64 -17.08
N ARG A 146 15.19 -20.09 -18.00
CA ARG A 146 15.64 -18.70 -17.89
C ARG A 146 14.46 -17.74 -17.93
N VAL A 147 14.47 -16.74 -17.06
CA VAL A 147 13.37 -15.77 -16.97
C VAL A 147 13.35 -14.85 -18.18
N HIS A 148 12.24 -14.87 -18.90
CA HIS A 148 12.11 -14.10 -20.15
C HIS A 148 11.59 -12.69 -19.93
N VAL A 149 10.85 -12.49 -18.84
CA VAL A 149 10.29 -11.17 -18.55
C VAL A 149 9.99 -11.03 -17.06
N CYS A 150 10.29 -9.85 -16.52
CA CYS A 150 10.00 -9.56 -15.12
C CYS A 150 8.99 -8.41 -14.99
N LEU A 151 7.84 -8.71 -14.42
CA LEU A 151 6.85 -7.68 -14.13
C LEU A 151 7.10 -7.12 -12.73
N TYR A 152 7.59 -5.89 -12.67
CA TYR A 152 7.87 -5.25 -11.39
C TYR A 152 6.67 -4.45 -10.91
N PHE A 153 6.05 -4.91 -9.84
CA PHE A 153 4.84 -4.29 -9.32
C PHE A 153 5.14 -3.06 -8.45
N ILE A 154 4.66 -1.90 -8.90
CA ILE A 154 4.85 -0.66 -8.16
C ILE A 154 3.58 -0.29 -7.41
N ALA A 155 3.71 -0.06 -6.11
CA ALA A 155 2.56 0.28 -5.27
C ALA A 155 1.92 1.59 -5.70
N PRO A 156 0.58 1.61 -5.80
CA PRO A 156 -0.18 2.78 -6.23
C PRO A 156 -0.33 3.82 -5.13
N THR A 157 0.79 4.33 -4.62
CA THR A 157 0.76 5.31 -3.54
C THR A 157 0.33 6.68 -4.04
N GLY A 158 0.56 6.93 -5.32
CA GLY A 158 0.29 8.23 -5.90
C GLY A 158 1.38 9.22 -5.55
N HIS A 159 2.43 8.70 -4.93
CA HIS A 159 3.55 9.52 -4.48
C HIS A 159 4.64 9.54 -5.52
N SER A 160 5.79 8.93 -5.20
CA SER A 160 6.89 8.81 -6.15
C SER A 160 7.52 7.44 -6.04
N LEU A 161 8.47 7.15 -6.92
CA LEU A 161 9.13 5.86 -6.94
C LEU A 161 9.98 5.65 -5.69
N LYS A 162 9.73 4.56 -4.98
CA LYS A 162 10.43 4.25 -3.74
C LYS A 162 11.89 3.88 -4.01
N SER A 163 12.75 4.17 -3.04
CA SER A 163 14.19 3.91 -3.19
C SER A 163 14.49 2.43 -3.37
N ILE A 164 13.71 1.58 -2.69
CA ILE A 164 13.87 0.13 -2.80
C ILE A 164 13.54 -0.36 -4.21
N ASP A 165 12.48 0.18 -4.80
CA ASP A 165 12.09 -0.18 -6.15
C ASP A 165 13.13 0.32 -7.15
N LEU A 166 13.69 1.49 -6.87
CA LEU A 166 14.70 2.10 -7.71
C LEU A 166 15.99 1.27 -7.75
N VAL A 167 16.43 0.85 -6.58
CA VAL A 167 17.62 0.04 -6.45
C VAL A 167 17.41 -1.35 -7.06
N ALA A 168 16.26 -1.95 -6.78
CA ALA A 168 15.95 -3.28 -7.28
C ALA A 168 15.91 -3.34 -8.81
N MET A 169 15.21 -2.40 -9.43
CA MET A 169 15.11 -2.35 -10.89
C MET A 169 16.46 -2.07 -11.54
N LYS A 170 17.31 -1.32 -10.83
CA LYS A 170 18.65 -1.00 -11.32
C LYS A 170 19.53 -2.23 -11.36
N LYS A 171 19.29 -3.15 -10.43
CA LYS A 171 20.07 -4.39 -10.35
C LYS A 171 19.49 -5.49 -11.25
N LEU A 172 18.25 -5.30 -11.68
CA LEU A 172 17.58 -6.29 -12.53
C LEU A 172 17.69 -5.96 -14.01
N GLU A 173 18.07 -4.72 -14.32
CA GLU A 173 18.04 -4.21 -15.70
C GLU A 173 18.86 -5.04 -16.69
N ASN A 174 20.00 -5.56 -16.26
CA ASN A 174 20.86 -6.35 -17.13
C ASN A 174 20.84 -7.83 -16.80
N LYS A 175 19.80 -8.25 -16.08
CA LYS A 175 19.63 -9.64 -15.70
C LYS A 175 18.40 -10.22 -16.38
N VAL A 176 17.41 -9.36 -16.59
CA VAL A 176 16.10 -9.79 -17.09
C VAL A 176 15.39 -8.61 -17.75
N ASN A 177 14.48 -8.91 -18.68
CA ASN A 177 13.65 -7.88 -19.29
C ASN A 177 12.64 -7.33 -18.28
N VAL A 178 12.91 -6.14 -17.78
CA VAL A 178 12.08 -5.55 -16.72
C VAL A 178 10.95 -4.69 -17.28
N ILE A 179 9.72 -5.05 -16.95
CA ILE A 179 8.55 -4.25 -17.30
C ILE A 179 7.85 -3.78 -16.03
N PRO A 180 7.97 -2.50 -15.71
CA PRO A 180 7.30 -1.95 -14.52
C PRO A 180 5.81 -1.81 -14.74
N VAL A 181 5.01 -2.20 -13.74
CA VAL A 181 3.56 -2.03 -13.81
C VAL A 181 3.06 -1.35 -12.55
N ILE A 182 1.99 -0.57 -12.68
CA ILE A 182 1.35 0.06 -11.53
C ILE A 182 0.25 -0.86 -11.02
N ALA A 183 0.50 -1.51 -9.90
CA ALA A 183 -0.43 -2.50 -9.36
C ALA A 183 -1.67 -1.82 -8.81
N LYS A 184 -2.80 -2.54 -8.87
CA LYS A 184 -4.09 -2.06 -8.37
C LYS A 184 -4.38 -0.63 -8.81
N SER A 185 -4.31 -0.40 -10.12
CA SER A 185 -4.42 0.94 -10.67
C SER A 185 -5.79 1.58 -10.45
N ASP A 186 -6.77 0.77 -10.02
CA ASP A 186 -8.08 1.28 -9.69
C ASP A 186 -8.08 2.05 -8.37
N THR A 187 -6.92 2.07 -7.71
CA THR A 187 -6.72 2.83 -6.49
C THR A 187 -6.64 4.31 -6.80
N ILE A 188 -6.25 4.62 -8.02
CA ILE A 188 -5.95 5.98 -8.41
C ILE A 188 -6.91 6.49 -9.49
N THR A 189 -7.41 7.72 -9.33
CA THR A 189 -8.28 8.31 -10.35
C THR A 189 -7.48 8.61 -11.60
N LYS A 190 -8.19 8.85 -12.70
CA LYS A 190 -7.58 8.99 -14.02
C LYS A 190 -6.57 10.13 -14.10
N SER A 191 -6.89 11.25 -13.49
CA SER A 191 -6.06 12.45 -13.59
C SER A 191 -4.73 12.32 -12.84
N GLU A 192 -4.78 11.85 -11.60
CA GLU A 192 -3.57 11.70 -10.80
C GLU A 192 -2.78 10.45 -11.17
N LEU A 193 -3.40 9.56 -11.93
CA LEU A 193 -2.71 8.37 -12.42
C LEU A 193 -1.72 8.74 -13.53
N GLN A 194 -2.11 9.70 -14.37
CA GLN A 194 -1.24 10.16 -15.44
C GLN A 194 -0.08 10.99 -14.90
N LYS A 195 -0.32 11.68 -13.79
CA LYS A 195 0.75 12.42 -13.12
C LYS A 195 1.69 11.44 -12.42
N PHE A 196 1.13 10.34 -11.91
CA PHE A 196 1.92 9.33 -11.23
C PHE A 196 2.79 8.57 -12.22
N LYS A 197 2.24 8.28 -13.39
CA LYS A 197 3.01 7.63 -14.44
C LYS A 197 4.19 8.49 -14.86
N ALA A 198 3.94 9.77 -15.09
CA ALA A 198 4.96 10.71 -15.53
C ALA A 198 6.10 10.83 -14.51
N ARG A 199 5.75 10.78 -13.24
CA ARG A 199 6.73 10.86 -12.17
C ARG A 199 7.62 9.62 -12.16
N ILE A 200 7.00 8.46 -12.31
CA ILE A 200 7.73 7.20 -12.35
C ILE A 200 8.66 7.14 -13.55
N LEU A 201 8.14 7.51 -14.72
CA LEU A 201 8.93 7.54 -15.94
C LEU A 201 10.12 8.50 -15.83
N SER A 202 9.89 9.63 -15.17
CA SER A 202 10.94 10.63 -14.99
C SER A 202 12.09 10.10 -14.16
N GLU A 203 11.78 9.35 -13.11
CA GLU A 203 12.81 8.80 -12.24
C GLU A 203 13.53 7.62 -12.89
N ILE A 204 12.81 6.85 -13.69
CA ILE A 204 13.40 5.74 -14.42
C ILE A 204 14.42 6.24 -15.44
N GLN A 205 14.05 7.30 -16.15
CA GLN A 205 14.90 7.85 -17.20
C GLN A 205 16.09 8.64 -16.64
N SER A 206 15.85 9.34 -15.53
CA SER A 206 16.91 10.14 -14.91
C SER A 206 17.97 9.25 -14.26
N ASN A 207 17.52 8.16 -13.64
CA ASN A 207 18.44 7.21 -13.03
C ASN A 207 19.00 6.22 -14.04
N GLU A 208 18.65 6.41 -15.30
CA GLU A 208 19.15 5.58 -16.40
C GLU A 208 18.88 4.10 -16.21
N ILE A 209 17.63 3.76 -15.87
CA ILE A 209 17.24 2.37 -15.72
C ILE A 209 16.81 1.78 -17.06
N GLY A 210 17.51 0.75 -17.51
CA GLY A 210 17.25 0.16 -18.80
C GLY A 210 16.10 -0.83 -18.80
N ILE A 211 14.89 -0.33 -18.62
CA ILE A 211 13.70 -1.17 -18.66
C ILE A 211 13.49 -1.66 -20.09
N TYR A 212 12.72 -2.74 -20.23
CA TYR A 212 12.47 -3.34 -21.54
C TYR A 212 11.56 -2.46 -22.40
N GLN A 213 11.84 -2.44 -23.71
CA GLN A 213 10.99 -1.75 -24.67
C GLN A 213 10.65 -2.70 -25.80
N PHE A 214 9.37 -2.75 -26.18
CA PHE A 214 8.95 -3.59 -27.29
C PHE A 214 9.45 -3.02 -28.60
N PRO A 215 9.92 -3.90 -29.51
CA PRO A 215 10.58 -3.49 -30.76
C PRO A 215 9.65 -2.76 -31.71
N THR A 216 10.13 -1.66 -32.28
CA THR A 216 9.34 -0.84 -33.20
C THR A 216 10.10 -0.58 -34.51
N ASP A 217 11.12 -1.39 -34.77
CA ASP A 217 11.92 -1.21 -35.98
C ASP A 217 11.27 -1.86 -37.20
N ASP A 218 10.38 -2.81 -36.94
CA ASP A 218 9.66 -3.48 -38.03
C ASP A 218 8.26 -2.89 -38.17
N GLU A 219 7.93 -2.43 -39.37
CA GLU A 219 6.64 -1.79 -39.64
C GLU A 219 5.46 -2.74 -39.44
N ALA A 220 5.73 -4.04 -39.43
CA ALA A 220 4.68 -5.04 -39.28
C ALA A 220 4.12 -5.08 -37.86
N VAL A 221 4.88 -4.53 -36.90
CA VAL A 221 4.45 -4.52 -35.51
C VAL A 221 4.69 -3.18 -34.84
N SER A 222 5.15 -2.21 -35.61
CA SER A 222 5.55 -0.91 -35.05
C SER A 222 4.40 -0.14 -34.42
N GLU A 223 3.21 -0.23 -35.01
CA GLU A 223 2.05 0.48 -34.50
C GLU A 223 1.60 -0.07 -33.15
N THR A 224 1.47 -1.39 -33.08
CA THR A 224 1.06 -2.05 -31.83
C THR A 224 2.07 -1.81 -30.72
N ASN A 225 3.36 -2.02 -31.02
CA ASN A 225 4.41 -1.93 -30.01
C ASN A 225 4.71 -0.52 -29.52
N SER A 226 4.60 0.46 -30.40
CA SER A 226 4.82 1.85 -30.02
C SER A 226 3.76 2.29 -29.01
N VAL A 227 2.52 1.88 -29.23
CA VAL A 227 1.43 2.18 -28.32
C VAL A 227 1.64 1.49 -26.97
N MET A 228 2.16 0.27 -27.01
CA MET A 228 2.48 -0.46 -25.78
C MET A 228 3.54 0.26 -24.97
N ASN A 229 4.58 0.72 -25.64
CA ASN A 229 5.67 1.43 -24.97
C ASN A 229 5.22 2.74 -24.35
N GLN A 230 4.23 3.38 -24.96
CA GLN A 230 3.72 4.66 -24.47
C GLN A 230 2.89 4.49 -23.19
N HIS A 231 2.38 3.29 -22.96
CA HIS A 231 1.57 3.02 -21.78
C HIS A 231 2.38 2.49 -20.60
N ILE A 232 3.67 2.25 -20.82
CA ILE A 232 4.56 1.80 -19.76
C ILE A 232 4.91 2.96 -18.82
N PRO A 233 4.77 2.75 -17.50
CA PRO A 233 4.38 1.52 -16.80
C PRO A 233 2.88 1.23 -16.88
N PHE A 234 2.53 -0.01 -17.18
CA PHE A 234 1.14 -0.39 -17.38
C PHE A 234 0.29 -0.24 -16.13
N ALA A 235 -0.82 0.48 -16.25
CA ALA A 235 -1.79 0.57 -15.17
C ALA A 235 -2.66 -0.68 -15.20
N VAL A 236 -2.39 -1.60 -14.29
CA VAL A 236 -3.04 -2.92 -14.33
C VAL A 236 -4.12 -3.11 -13.28
N VAL A 237 -5.14 -3.89 -13.65
CA VAL A 237 -6.18 -4.33 -12.73
C VAL A 237 -6.45 -5.81 -12.97
N GLY A 238 -6.47 -6.60 -11.90
CA GLY A 238 -6.77 -8.01 -12.03
C GLY A 238 -8.03 -8.39 -11.28
N SER A 239 -8.69 -9.46 -11.72
CA SER A 239 -9.91 -9.90 -11.07
C SER A 239 -10.20 -11.38 -11.28
N SER A 240 -10.89 -11.99 -10.31
CA SER A 240 -11.29 -13.38 -10.39
C SER A 240 -12.81 -13.49 -10.54
N GLU A 241 -13.45 -12.36 -10.84
CA GLU A 241 -14.90 -12.33 -11.03
C GLU A 241 -15.23 -12.21 -12.51
N GLU A 242 -16.42 -12.68 -12.89
CA GLU A 242 -16.89 -12.60 -14.26
C GLU A 242 -18.38 -12.31 -14.31
N VAL A 243 -18.78 -11.34 -15.14
CA VAL A 243 -20.19 -11.00 -15.30
C VAL A 243 -20.57 -10.88 -16.77
N LYS A 244 -21.85 -10.67 -17.03
CA LYS A 244 -22.35 -10.52 -18.39
C LYS A 244 -21.88 -9.21 -19.02
N THR A 249 -19.04 -11.37 -22.06
CA THR A 249 -18.66 -11.72 -20.70
C THR A 249 -17.20 -11.37 -20.42
N VAL A 250 -16.99 -10.47 -19.46
CA VAL A 250 -15.65 -10.01 -19.13
C VAL A 250 -15.35 -10.12 -17.64
N ARG A 251 -14.09 -9.89 -17.28
CA ARG A 251 -13.66 -9.94 -15.88
CA ARG A 251 -13.66 -9.94 -15.88
C ARG A 251 -13.79 -8.55 -15.25
N VAL A 252 -14.34 -8.50 -14.04
CA VAL A 252 -14.56 -7.22 -13.36
C VAL A 252 -14.25 -7.25 -11.87
N ARG A 253 -13.98 -6.06 -11.32
CA ARG A 253 -13.95 -5.87 -9.87
C ARG A 253 -15.17 -5.06 -9.47
N GLN A 254 -16.07 -5.67 -8.70
CA GLN A 254 -17.37 -5.08 -8.42
C GLN A 254 -17.45 -4.36 -7.09
N TYR A 255 -17.68 -3.05 -7.15
CA TYR A 255 -17.91 -2.24 -5.96
C TYR A 255 -19.36 -1.79 -5.96
N PRO A 256 -19.87 -1.35 -4.79
CA PRO A 256 -21.27 -0.87 -4.76
C PRO A 256 -21.50 0.39 -5.60
N TRP A 257 -20.44 1.14 -5.89
CA TRP A 257 -20.56 2.36 -6.68
C TRP A 257 -20.33 2.13 -8.17
N GLY A 258 -19.74 0.99 -8.51
CA GLY A 258 -19.47 0.67 -9.90
C GLY A 258 -18.55 -0.53 -10.06
N SER A 259 -18.36 -0.96 -11.31
CA SER A 259 -17.52 -2.13 -11.59
C SER A 259 -16.37 -1.79 -12.53
N VAL A 260 -15.16 -2.14 -12.13
CA VAL A 260 -13.98 -1.92 -12.95
C VAL A 260 -13.84 -3.04 -13.99
N GLN A 261 -13.86 -2.67 -15.26
CA GLN A 261 -13.71 -3.65 -16.33
C GLN A 261 -12.25 -3.81 -16.73
N VAL A 262 -11.71 -4.99 -16.46
CA VAL A 262 -10.30 -5.27 -16.70
C VAL A 262 -9.91 -5.12 -18.17
N GLU A 263 -10.76 -5.63 -19.05
CA GLU A 263 -10.46 -5.64 -20.48
C GLU A 263 -10.95 -4.38 -21.18
N ASN A 264 -11.24 -3.34 -20.41
CA ASN A 264 -11.64 -2.06 -20.96
C ASN A 264 -10.48 -1.07 -20.89
N GLU A 265 -10.02 -0.61 -22.04
CA GLU A 265 -8.87 0.27 -22.12
C GLU A 265 -9.13 1.64 -21.49
N ASN A 266 -10.40 1.99 -21.34
CA ASN A 266 -10.77 3.25 -20.68
C ASN A 266 -10.65 3.15 -19.16
N HIS A 267 -10.55 1.92 -18.65
CA HIS A 267 -10.44 1.71 -17.21
C HIS A 267 -8.99 1.45 -16.78
N CYS A 268 -8.28 0.62 -17.53
CA CYS A 268 -6.88 0.32 -17.22
C CYS A 268 -6.10 -0.10 -18.47
N ASP A 269 -4.82 -0.42 -18.28
CA ASP A 269 -3.93 -0.73 -19.40
C ASP A 269 -3.75 -2.23 -19.61
N PHE A 270 -4.64 -3.03 -19.04
CA PHE A 270 -4.50 -4.50 -19.11
C PHE A 270 -4.46 -5.03 -20.54
N VAL A 271 -5.31 -4.49 -21.41
CA VAL A 271 -5.36 -4.94 -22.80
C VAL A 271 -4.04 -4.69 -23.53
N ARG A 272 -3.33 -3.65 -23.11
CA ARG A 272 -2.02 -3.34 -23.69
C ARG A 272 -0.99 -4.34 -23.19
N LEU A 273 -1.06 -4.67 -21.90
CA LEU A 273 -0.13 -5.61 -21.29
C LEU A 273 -0.31 -7.02 -21.86
N ARG A 274 -1.54 -7.38 -22.18
CA ARG A 274 -1.85 -8.72 -22.68
C ARG A 274 -1.25 -8.94 -24.08
N GLU A 275 -0.95 -7.85 -24.78
CA GLU A 275 -0.36 -7.91 -26.10
C GLU A 275 1.12 -8.34 -26.03
N MET A 276 1.62 -8.50 -24.82
CA MET A 276 2.96 -9.04 -24.61
C MET A 276 2.98 -10.51 -25.01
N LEU A 277 1.81 -11.15 -24.94
CA LEU A 277 1.68 -12.57 -25.22
C LEU A 277 1.51 -12.87 -26.71
N LEU A 278 1.59 -11.85 -27.55
CA LEU A 278 1.63 -12.07 -28.99
C LEU A 278 2.92 -12.82 -29.31
N ARG A 279 2.84 -13.74 -30.27
CA ARG A 279 3.98 -14.59 -30.64
C ARG A 279 5.25 -13.78 -30.89
N VAL A 280 5.14 -12.75 -31.71
CA VAL A 280 6.28 -11.92 -32.07
C VAL A 280 6.91 -11.24 -30.85
N ASN A 281 6.07 -10.86 -29.89
CA ASN A 281 6.56 -10.21 -28.67
C ASN A 281 7.22 -11.18 -27.70
N MET A 282 6.64 -12.36 -27.53
CA MET A 282 7.23 -13.38 -26.68
C MET A 282 8.57 -13.83 -27.25
N GLU A 283 8.63 -13.95 -28.58
CA GLU A 283 9.87 -14.36 -29.24
C GLU A 283 10.96 -13.31 -29.07
N ASP A 284 10.58 -12.03 -29.10
CA ASP A 284 11.52 -10.95 -28.91
C ASP A 284 12.07 -10.92 -27.48
N LEU A 285 11.19 -11.23 -26.52
CA LEU A 285 11.58 -11.30 -25.12
C LEU A 285 12.56 -12.44 -24.89
N ARG A 286 12.28 -13.58 -25.51
CA ARG A 286 13.16 -14.75 -25.39
C ARG A 286 14.50 -14.52 -26.09
N GLU A 287 14.45 -13.89 -27.26
CA GLU A 287 15.67 -13.65 -28.04
C GLU A 287 16.61 -12.70 -27.30
N ARG A 288 16.07 -11.65 -26.70
CA ARG A 288 16.88 -10.70 -25.95
C ARG A 288 17.45 -11.35 -24.69
N THR A 289 16.67 -12.24 -24.08
CA THR A 289 17.13 -12.97 -22.90
C THR A 289 18.35 -13.80 -23.23
N HIS A 290 18.29 -14.53 -24.33
CA HIS A 290 19.38 -15.40 -24.76
C HIS A 290 20.57 -14.63 -25.29
N GLY A 291 20.31 -13.60 -26.08
CA GLY A 291 21.35 -12.88 -26.78
C GLY A 291 22.01 -11.74 -26.03
N VAL A 292 21.32 -11.22 -25.01
CA VAL A 292 21.86 -10.08 -24.25
C VAL A 292 22.08 -10.42 -22.78
N HIS A 293 21.01 -10.72 -22.06
CA HIS A 293 21.07 -10.97 -20.64
C HIS A 293 21.89 -12.22 -20.30
N TYR A 294 21.62 -13.31 -21.01
CA TYR A 294 22.35 -14.55 -20.78
C TYR A 294 23.82 -14.42 -21.18
N GLU A 295 24.09 -13.73 -22.29
CA GLU A 295 25.46 -13.54 -22.77
C GLU A 295 26.29 -12.77 -21.77
N THR A 296 25.68 -11.78 -21.11
CA THR A 296 26.37 -11.01 -20.09
C THR A 296 26.82 -11.92 -18.95
N TYR A 297 25.91 -12.81 -18.53
CA TYR A 297 26.22 -13.78 -17.49
C TYR A 297 27.28 -14.78 -17.96
N ARG A 298 27.11 -15.27 -19.19
CA ARG A 298 28.02 -16.26 -19.76
C ARG A 298 29.45 -15.75 -19.81
N ARG A 299 29.63 -14.53 -20.30
CA ARG A 299 30.96 -13.95 -20.42
C ARG A 299 31.64 -13.81 -19.06
N GLN A 300 30.83 -13.50 -18.04
CA GLN A 300 31.33 -13.37 -16.68
C GLN A 300 31.85 -14.70 -16.16
N ARG A 301 31.08 -15.76 -16.38
CA ARG A 301 31.45 -17.09 -15.90
C ARG A 301 32.66 -17.65 -16.64
N LEU A 302 32.74 -17.39 -17.94
CA LEU A 302 33.86 -17.87 -18.75
C LEU A 302 35.18 -17.23 -18.30
N ILE A 303 35.12 -15.99 -17.85
CA ILE A 303 36.28 -15.31 -17.29
C ILE A 303 36.71 -16.01 -16.01
N GLU A 304 35.73 -16.34 -15.16
CA GLU A 304 36.00 -17.02 -13.90
C GLU A 304 36.57 -18.43 -14.11
N MET A 305 35.92 -19.19 -14.99
CA MET A 305 36.34 -20.57 -15.26
C MET A 305 37.70 -20.63 -15.97
N GLY A 306 37.90 -19.75 -16.95
CA GLY A 306 39.15 -19.70 -17.67
C GLY A 306 39.40 -20.95 -18.51
N PHE B 40 -11.86 24.29 24.49
CA PHE B 40 -11.81 22.84 24.42
C PHE B 40 -10.71 22.39 23.46
N VAL B 41 -9.77 21.61 23.98
CA VAL B 41 -8.66 21.12 23.16
C VAL B 41 -8.88 19.68 22.73
N PHE B 42 -8.35 19.33 21.57
CA PHE B 42 -8.37 17.95 21.09
C PHE B 42 -7.20 17.70 20.16
N ASN B 43 -6.39 16.70 20.49
CA ASN B 43 -5.17 16.41 19.76
C ASN B 43 -5.21 15.02 19.12
N ILE B 44 -5.12 14.99 17.79
CA ILE B 44 -5.22 13.73 17.06
C ILE B 44 -3.93 13.42 16.31
N LEU B 45 -3.51 12.15 16.35
CA LEU B 45 -2.29 11.71 15.71
C LEU B 45 -2.57 10.66 14.64
N CYS B 46 -1.99 10.85 13.46
CA CYS B 46 -2.13 9.87 12.37
C CYS B 46 -0.81 9.16 12.11
N VAL B 47 -0.80 7.84 12.29
CA VAL B 47 0.38 7.04 12.01
C VAL B 47 0.13 6.12 10.82
N GLY B 48 0.97 6.25 9.80
CA GLY B 48 0.83 5.44 8.60
C GLY B 48 1.94 5.71 7.60
N GLU B 49 2.16 4.76 6.70
CA GLU B 49 3.22 4.87 5.69
C GLU B 49 2.97 6.04 4.74
N THR B 50 4.01 6.40 3.98
CA THR B 50 3.92 7.53 3.06
C THR B 50 2.84 7.34 1.99
N GLY B 51 1.96 8.32 1.87
CA GLY B 51 0.93 8.29 0.85
C GLY B 51 -0.25 7.39 1.17
N ILE B 52 -0.40 7.03 2.43
CA ILE B 52 -1.46 6.13 2.86
C ILE B 52 -2.80 6.87 2.97
N GLY B 53 -2.77 8.19 2.96
CA GLY B 53 -3.97 8.99 2.96
C GLY B 53 -4.26 9.71 4.27
N LYS B 54 -3.20 10.03 5.02
CA LYS B 54 -3.35 10.69 6.31
C LYS B 54 -3.93 12.11 6.21
N SER B 55 -3.31 12.94 5.38
CA SER B 55 -3.73 14.33 5.23
C SER B 55 -5.14 14.43 4.66
N THR B 56 -5.46 13.54 3.73
CA THR B 56 -6.76 13.57 3.06
C THR B 56 -7.89 13.21 4.03
N LEU B 57 -7.63 12.25 4.92
CA LEU B 57 -8.62 11.84 5.91
C LEU B 57 -8.89 12.96 6.91
N LEU B 58 -7.83 13.62 7.36
CA LEU B 58 -7.96 14.73 8.30
C LEU B 58 -8.77 15.87 7.69
N GLU B 59 -8.52 16.13 6.41
CA GLU B 59 -9.27 17.16 5.69
C GLU B 59 -10.73 16.77 5.55
N THR B 60 -10.97 15.49 5.29
CA THR B 60 -12.33 14.98 5.14
C THR B 60 -13.05 14.95 6.48
N LEU B 61 -12.31 14.64 7.54
CA LEU B 61 -12.88 14.52 8.88
C LEU B 61 -13.33 15.87 9.44
N PHE B 62 -12.55 16.91 9.19
CA PHE B 62 -12.83 18.23 9.75
C PHE B 62 -13.27 19.26 8.72
N ASN B 63 -13.47 18.80 7.49
CA ASN B 63 -13.92 19.66 6.40
C ASN B 63 -13.04 20.89 6.20
N GLN B 64 -11.73 20.68 6.21
CA GLN B 64 -10.78 21.78 6.13
C GLN B 64 -9.37 21.29 5.79
N LYS B 65 -8.69 22.02 4.92
CA LYS B 65 -7.30 21.72 4.59
C LYS B 65 -6.37 22.14 5.71
N PHE B 66 -5.40 21.28 6.05
CA PHE B 66 -4.43 21.58 7.09
C PHE B 66 -3.05 21.84 6.50
N ASP B 67 -2.49 23.01 6.79
CA ASP B 67 -1.18 23.38 6.27
C ASP B 67 -0.11 23.36 7.36
N PHE B 68 0.83 22.43 7.24
CA PHE B 68 1.92 22.32 8.19
C PHE B 68 3.00 23.37 7.91
N SER B 69 4.00 23.44 8.78
CA SER B 69 5.10 24.38 8.61
C SER B 69 6.43 23.63 8.43
N PRO B 78 13.12 15.30 10.80
CA PRO B 78 11.70 15.62 10.62
C PRO B 78 10.84 14.36 10.58
N LYS B 79 10.56 13.78 11.75
CA LYS B 79 9.82 12.53 11.83
C LYS B 79 8.32 12.75 12.03
N LEU B 80 7.95 13.88 12.63
CA LEU B 80 6.54 14.20 12.83
C LEU B 80 6.23 15.67 12.54
N LYS B 81 5.05 15.92 11.98
CA LYS B 81 4.58 17.27 11.70
C LYS B 81 3.29 17.55 12.45
N ALA B 82 3.19 18.73 13.07
CA ALA B 82 2.00 19.09 13.83
C ALA B 82 1.59 20.54 13.58
N VAL B 83 0.28 20.77 13.47
CA VAL B 83 -0.25 22.12 13.28
C VAL B 83 -1.56 22.28 14.06
N THR B 84 -1.78 23.48 14.59
CA THR B 84 -2.96 23.74 15.41
C THR B 84 -3.92 24.72 14.74
N TYR B 85 -5.20 24.35 14.69
CA TYR B 85 -6.24 25.21 14.12
C TYR B 85 -7.37 25.45 15.11
N ASP B 86 -7.94 26.65 15.08
CA ASP B 86 -9.11 26.95 15.89
C ASP B 86 -10.39 26.75 15.08
N LEU B 87 -11.19 25.77 15.49
CA LEU B 87 -12.43 25.46 14.79
C LEU B 87 -13.65 25.93 15.59
N LYS B 88 -14.82 25.90 14.96
CA LYS B 88 -16.02 26.43 15.60
C LYS B 88 -17.30 25.85 15.02
N GLU B 89 -18.09 25.23 15.87
CA GLU B 89 -19.42 24.77 15.51
C GLU B 89 -20.43 25.61 16.28
N ALA B 90 -21.21 26.41 15.56
CA ALA B 90 -22.08 27.42 16.17
C ALA B 90 -21.27 28.36 17.07
N ASN B 91 -21.47 28.26 18.37
CA ASN B 91 -20.72 29.07 19.31
C ASN B 91 -19.85 28.22 20.23
N VAL B 92 -19.46 27.04 19.74
CA VAL B 92 -18.59 26.14 20.49
C VAL B 92 -17.20 26.07 19.86
N LYS B 93 -16.20 26.56 20.60
CA LYS B 93 -14.84 26.64 20.08
C LYS B 93 -14.06 25.34 20.32
N LEU B 94 -13.17 25.02 19.39
CA LEU B 94 -12.35 23.83 19.50
C LEU B 94 -10.93 24.10 19.02
N LYS B 95 -9.97 23.93 19.91
CA LYS B 95 -8.56 24.11 19.56
C LYS B 95 -7.96 22.78 19.14
N LEU B 96 -7.98 22.53 17.84
CA LEU B 96 -7.58 21.24 17.30
C LEU B 96 -6.12 21.21 16.86
N THR B 97 -5.42 20.15 17.25
CA THR B 97 -4.06 19.92 16.78
C THR B 97 -3.98 18.58 16.07
N VAL B 98 -3.53 18.60 14.82
CA VAL B 98 -3.35 17.37 14.07
C VAL B 98 -1.85 17.06 13.92
N VAL B 99 -1.50 15.79 14.11
CA VAL B 99 -0.10 15.37 14.00
C VAL B 99 0.04 14.22 12.99
N GLU B 100 0.97 14.38 12.06
CA GLU B 100 1.24 13.35 11.06
C GLU B 100 2.65 12.80 11.15
N THR B 101 2.79 11.49 10.98
CA THR B 101 4.10 10.87 10.89
C THR B 101 4.71 11.15 9.52
N CYS B 102 6.04 11.13 9.46
CA CYS B 102 6.74 11.39 8.20
C CYS B 102 7.75 10.30 7.90
N GLY B 103 7.58 9.65 6.77
CA GLY B 103 8.47 8.57 6.35
C GLY B 103 8.38 7.36 7.25
N TYR B 104 7.23 7.19 7.89
CA TYR B 104 7.00 6.07 8.79
C TYR B 104 7.04 4.73 8.04
N GLY B 105 7.99 3.89 8.40
CA GLY B 105 8.14 2.59 7.77
C GLY B 105 9.24 2.55 6.73
N ASP B 106 10.20 3.46 6.84
CA ASP B 106 11.32 3.50 5.91
C ASP B 106 12.63 3.07 6.60
N GLN B 107 12.70 3.27 7.91
CA GLN B 107 13.89 2.92 8.67
C GLN B 107 14.07 1.41 8.74
N ASN B 109 14.51 -1.30 10.32
CA ASN B 109 14.34 -1.71 11.70
C ASN B 109 12.99 -1.27 12.28
N LYS B 110 12.31 -2.19 12.93
CA LYS B 110 10.98 -1.93 13.51
C LYS B 110 11.04 -0.87 14.60
N GLU B 111 11.97 -1.04 15.54
CA GLU B 111 12.08 -0.15 16.69
C GLU B 111 12.30 1.30 16.28
N ASN B 112 13.14 1.51 15.28
CA ASN B 112 13.46 2.85 14.80
C ASN B 112 12.29 3.55 14.12
N ASN B 113 11.26 2.79 13.77
CA ASN B 113 10.08 3.33 13.11
C ASN B 113 9.08 3.96 14.08
N ILE B 114 8.75 3.23 15.14
CA ILE B 114 7.75 3.69 16.10
C ILE B 114 8.36 4.53 17.21
N LYS B 115 9.68 4.47 17.34
CA LYS B 115 10.41 5.26 18.33
C LYS B 115 10.12 6.77 18.30
N PRO B 116 10.18 7.40 17.11
CA PRO B 116 9.89 8.84 17.10
C PRO B 116 8.44 9.15 17.47
N VAL B 117 7.53 8.21 17.24
CA VAL B 117 6.13 8.40 17.59
C VAL B 117 5.94 8.33 19.10
N VAL B 118 6.56 7.33 19.71
CA VAL B 118 6.55 7.18 21.16
C VAL B 118 7.21 8.38 21.84
N ASP B 119 8.31 8.84 21.28
CA ASP B 119 9.02 9.99 21.82
C ASP B 119 8.18 11.27 21.77
N TYR B 120 7.41 11.44 20.70
CA TYR B 120 6.52 12.61 20.60
C TYR B 120 5.46 12.55 21.68
N ILE B 121 4.83 11.38 21.81
CA ILE B 121 3.79 11.16 22.81
C ILE B 121 4.32 11.38 24.22
N ASP B 122 5.48 10.80 24.54
CA ASP B 122 6.10 10.99 25.84
C ASP B 122 6.46 12.45 26.09
N ASN B 123 6.82 13.16 25.03
CA ASN B 123 7.22 14.56 25.14
C ASN B 123 6.06 15.45 25.55
N GLN B 124 4.86 15.15 25.08
CA GLN B 124 3.68 15.92 25.43
C GLN B 124 3.28 15.64 26.87
N PHE B 125 3.49 14.39 27.30
CA PHE B 125 3.26 14.01 28.69
C PHE B 125 4.23 14.75 29.60
N GLU B 126 5.49 14.83 29.19
CA GLU B 126 6.53 15.46 29.99
C GLU B 126 6.28 16.96 30.15
N ASN B 127 5.81 17.59 29.09
CA ASN B 127 5.48 19.02 29.13
C ASN B 127 4.33 19.30 30.10
N TYR B 128 3.36 18.41 30.14
CA TYR B 128 2.22 18.56 31.04
C TYR B 128 2.65 18.31 32.48
N LEU B 129 3.51 17.31 32.67
CA LEU B 129 3.99 16.96 34.01
C LEU B 129 4.80 18.08 34.63
N GLN B 130 5.66 18.70 33.83
CA GLN B 130 6.50 19.79 34.30
C GLN B 130 5.68 21.01 34.69
N GLU B 131 4.61 21.27 33.95
CA GLU B 131 3.73 22.38 34.27
C GLU B 131 2.97 22.10 35.55
N GLU B 132 2.61 20.83 35.76
CA GLU B 132 1.84 20.42 36.92
C GLU B 132 2.68 20.47 38.19
N LEU B 133 3.99 20.29 38.04
CA LEU B 133 4.92 20.30 39.16
C LEU B 133 5.42 21.70 39.49
N LYS B 134 5.12 22.65 38.61
CA LYS B 134 5.57 24.04 38.77
C LYS B 134 5.11 24.65 40.10
N MET B 135 6.00 25.43 40.70
CA MET B 135 5.65 26.19 41.90
C MET B 135 4.57 27.20 41.57
N LYS B 136 4.90 28.14 40.68
CA LYS B 136 3.94 29.13 40.22
C LYS B 136 3.26 28.64 38.95
N ARG B 137 2.39 27.65 39.09
CA ARG B 137 1.74 27.03 37.93
C ARG B 137 0.41 27.70 37.58
N SER B 138 0.07 27.65 36.30
CA SER B 138 -1.21 28.15 35.83
C SER B 138 -1.75 27.18 34.77
N MET B 139 -2.45 26.15 35.21
CA MET B 139 -2.89 25.07 34.34
C MET B 139 -3.94 25.52 33.32
N GLN B 140 -4.55 26.67 33.56
CA GLN B 140 -5.56 27.20 32.65
C GLN B 140 -4.93 27.92 31.46
N ALA B 141 -3.78 28.56 31.69
CA ALA B 141 -3.07 29.27 30.63
C ALA B 141 -2.07 28.36 29.94
N PHE B 142 -2.28 27.07 30.06
CA PHE B 142 -1.37 26.08 29.48
C PHE B 142 -2.05 25.28 28.37
N HIS B 143 -1.39 25.24 27.21
CA HIS B 143 -1.90 24.47 26.08
C HIS B 143 -1.60 22.99 26.23
N ASP B 144 -2.63 22.20 26.52
CA ASP B 144 -2.49 20.75 26.64
C ASP B 144 -2.27 20.12 25.27
N THR B 145 -1.08 19.60 25.05
CA THR B 145 -0.71 19.02 23.75
C THR B 145 -0.67 17.49 23.77
N ARG B 146 -1.19 16.91 24.84
CA ARG B 146 -1.21 15.45 24.98
C ARG B 146 -2.13 14.81 23.95
N VAL B 147 -1.62 13.79 23.25
CA VAL B 147 -2.37 13.13 22.20
C VAL B 147 -3.56 12.35 22.76
N HIS B 148 -4.76 12.71 22.31
CA HIS B 148 -5.99 12.13 22.84
C HIS B 148 -6.44 10.90 22.06
N VAL B 149 -6.03 10.79 20.81
CA VAL B 149 -6.40 9.65 19.97
C VAL B 149 -5.39 9.42 18.86
N CYS B 150 -5.11 8.15 18.58
CA CYS B 150 -4.20 7.79 17.50
C CYS B 150 -4.90 6.93 16.46
N LEU B 151 -4.97 7.45 15.23
CA LEU B 151 -5.50 6.67 14.12
C LEU B 151 -4.35 5.92 13.45
N TYR B 152 -4.33 4.60 13.61
CA TYR B 152 -3.29 3.78 12.98
C TYR B 152 -3.77 3.29 11.63
N PHE B 153 -3.12 3.77 10.57
CA PHE B 153 -3.51 3.45 9.20
C PHE B 153 -2.99 2.10 8.74
N ILE B 154 -3.92 1.18 8.47
CA ILE B 154 -3.57 -0.15 7.98
C ILE B 154 -3.71 -0.20 6.46
N ALA B 155 -2.64 -0.61 5.78
CA ALA B 155 -2.64 -0.70 4.33
C ALA B 155 -3.64 -1.74 3.83
N PRO B 156 -4.40 -1.38 2.78
CA PRO B 156 -5.43 -2.26 2.20
C PRO B 156 -4.83 -3.38 1.37
N THR B 157 -4.19 -4.34 2.02
CA THR B 157 -3.58 -5.47 1.31
C THR B 157 -4.58 -6.59 1.11
N GLY B 158 -5.55 -6.70 2.02
CA GLY B 158 -6.55 -7.73 1.96
C GLY B 158 -6.13 -9.03 2.63
N HIS B 159 -4.88 -9.08 3.08
CA HIS B 159 -4.35 -10.26 3.74
C HIS B 159 -4.38 -10.13 5.25
N SER B 160 -3.20 -10.06 5.86
CA SER B 160 -3.08 -9.95 7.31
C SER B 160 -2.44 -8.64 7.71
N LEU B 161 -2.27 -8.44 9.01
CA LEU B 161 -1.55 -7.27 9.52
C LEU B 161 -0.05 -7.48 9.36
N LYS B 162 0.64 -6.42 8.96
CA LYS B 162 2.09 -6.47 8.88
C LYS B 162 2.68 -6.64 10.27
N SER B 163 3.84 -7.28 10.34
CA SER B 163 4.51 -7.52 11.62
C SER B 163 4.84 -6.20 12.30
N ILE B 164 5.18 -5.19 11.50
CA ILE B 164 5.48 -3.86 12.02
C ILE B 164 4.25 -3.24 12.67
N ASP B 165 3.07 -3.54 12.14
CA ASP B 165 1.82 -3.00 12.66
C ASP B 165 1.49 -3.54 14.05
N LEU B 166 1.67 -4.85 14.23
CA LEU B 166 1.41 -5.49 15.51
C LEU B 166 2.35 -4.97 16.59
N VAL B 167 3.64 -4.87 16.28
CA VAL B 167 4.62 -4.37 17.21
C VAL B 167 4.34 -2.91 17.58
N ALA B 168 4.01 -2.11 16.57
CA ALA B 168 3.73 -0.69 16.79
C ALA B 168 2.53 -0.48 17.70
N MET B 169 1.40 -1.10 17.37
CA MET B 169 0.18 -0.94 18.15
C MET B 169 0.33 -1.49 19.57
N LYS B 170 1.19 -2.49 19.72
CA LYS B 170 1.47 -3.05 21.04
C LYS B 170 2.26 -2.07 21.89
N LYS B 171 3.13 -1.30 21.24
CA LYS B 171 3.92 -0.28 21.92
C LYS B 171 3.08 0.95 22.26
N LEU B 172 2.01 1.16 21.51
CA LEU B 172 1.19 2.37 21.65
C LEU B 172 -0.01 2.18 22.57
N GLU B 173 -0.34 0.93 22.88
CA GLU B 173 -1.59 0.61 23.59
C GLU B 173 -1.76 1.33 24.94
N ASN B 174 -0.66 1.47 25.68
CA ASN B 174 -0.72 2.10 26.99
C ASN B 174 -0.16 3.52 26.99
N LYS B 175 0.03 4.07 25.79
CA LYS B 175 0.55 5.42 25.62
C LYS B 175 -0.53 6.34 25.09
N VAL B 176 -1.44 5.79 24.30
CA VAL B 176 -2.45 6.59 23.61
C VAL B 176 -3.65 5.72 23.22
N ASN B 177 -4.82 6.33 23.10
CA ASN B 177 -6.01 5.65 22.60
C ASN B 177 -5.87 5.30 21.13
N VAL B 178 -5.56 4.03 20.86
CA VAL B 178 -5.32 3.59 19.49
C VAL B 178 -6.59 3.13 18.79
N ILE B 179 -6.89 3.74 17.65
CA ILE B 179 -8.00 3.30 16.82
C ILE B 179 -7.48 2.88 15.45
N PRO B 180 -7.52 1.57 15.17
CA PRO B 180 -7.07 1.06 13.87
C PRO B 180 -8.06 1.38 12.76
N VAL B 181 -7.56 1.79 11.61
CA VAL B 181 -8.41 2.05 10.45
C VAL B 181 -7.83 1.40 9.20
N ILE B 182 -8.71 1.03 8.27
CA ILE B 182 -8.27 0.48 6.99
C ILE B 182 -8.26 1.60 5.96
N ALA B 183 -7.06 2.02 5.57
CA ALA B 183 -6.88 3.14 4.66
C ALA B 183 -7.25 2.79 3.23
N LYS B 184 -7.75 3.78 2.49
CA LYS B 184 -8.13 3.61 1.09
C LYS B 184 -9.02 2.40 0.88
N SER B 185 -10.09 2.32 1.64
CA SER B 185 -10.94 1.14 1.66
C SER B 185 -11.80 1.00 0.40
N ASP B 186 -11.74 2.00 -0.48
CA ASP B 186 -12.45 1.94 -1.75
C ASP B 186 -11.73 1.05 -2.75
N THR B 187 -10.61 0.48 -2.32
CA THR B 187 -9.82 -0.40 -3.17
C THR B 187 -10.00 -1.85 -2.75
N ILE B 188 -10.97 -2.07 -1.88
CA ILE B 188 -11.29 -3.41 -1.39
C ILE B 188 -12.78 -3.68 -1.54
N THR B 189 -13.12 -4.80 -2.18
CA THR B 189 -14.52 -5.16 -2.35
C THR B 189 -15.14 -5.56 -1.02
N LYS B 190 -16.46 -5.63 -0.97
CA LYS B 190 -17.17 -5.86 0.29
C LYS B 190 -16.93 -7.24 0.89
N SER B 191 -16.84 -8.26 0.04
CA SER B 191 -16.54 -9.60 0.50
C SER B 191 -15.11 -9.69 1.01
N GLU B 192 -14.20 -8.99 0.37
CA GLU B 192 -12.84 -9.02 0.82
C GLU B 192 -12.64 -8.14 2.07
N LEU B 193 -13.43 -7.07 2.19
CA LEU B 193 -13.34 -6.21 3.37
C LEU B 193 -13.82 -6.91 4.64
N GLN B 194 -14.91 -7.66 4.51
CA GLN B 194 -15.47 -8.40 5.64
C GLN B 194 -14.47 -9.42 6.17
N LYS B 195 -13.74 -10.04 5.24
CA LYS B 195 -12.76 -11.04 5.60
C LYS B 195 -11.49 -10.39 6.14
N PHE B 196 -11.15 -9.22 5.58
CA PHE B 196 -9.96 -8.49 6.00
C PHE B 196 -10.12 -7.96 7.42
N LYS B 197 -11.29 -7.41 7.72
CA LYS B 197 -11.58 -6.91 9.07
C LYS B 197 -11.50 -8.03 10.10
N ALA B 198 -11.99 -9.21 9.73
CA ALA B 198 -12.02 -10.36 10.64
C ALA B 198 -10.62 -10.80 11.03
N ARG B 199 -9.74 -10.93 10.04
CA ARG B 199 -8.36 -11.36 10.31
C ARG B 199 -7.59 -10.33 11.13
N ILE B 200 -7.90 -9.05 10.92
CA ILE B 200 -7.27 -7.99 11.69
C ILE B 200 -7.68 -8.05 13.15
N LEU B 201 -8.98 -8.17 13.39
CA LEU B 201 -9.51 -8.26 14.75
C LEU B 201 -8.99 -9.51 15.46
N SER B 202 -8.86 -10.60 14.72
CA SER B 202 -8.38 -11.86 15.27
C SER B 202 -6.93 -11.75 15.76
N GLU B 203 -6.10 -11.08 14.97
CA GLU B 203 -4.70 -10.91 15.32
C GLU B 203 -4.50 -9.92 16.47
N ILE B 204 -5.39 -8.94 16.57
CA ILE B 204 -5.36 -7.99 17.66
C ILE B 204 -5.71 -8.69 18.98
N GLN B 205 -6.71 -9.56 18.92
CA GLN B 205 -7.15 -10.30 20.09
C GLN B 205 -6.12 -11.31 20.56
N SER B 206 -5.53 -12.03 19.60
CA SER B 206 -4.56 -13.07 19.93
C SER B 206 -3.24 -12.50 20.45
N ASN B 207 -2.95 -11.25 20.08
CA ASN B 207 -1.74 -10.59 20.56
C ASN B 207 -1.99 -9.67 21.75
N GLU B 208 -3.21 -9.72 22.28
CA GLU B 208 -3.60 -8.95 23.46
C GLU B 208 -3.33 -7.45 23.30
N ILE B 209 -3.61 -6.91 22.12
CA ILE B 209 -3.42 -5.49 21.86
C ILE B 209 -4.65 -4.70 22.29
N GLY B 210 -4.49 -3.87 23.31
CA GLY B 210 -5.60 -3.12 23.87
C GLY B 210 -5.94 -1.85 23.12
N ILE B 211 -6.62 -1.99 22.00
CA ILE B 211 -7.07 -0.82 21.24
C ILE B 211 -8.21 -0.13 21.98
N TYR B 212 -8.48 1.12 21.62
CA TYR B 212 -9.53 1.90 22.26
C TYR B 212 -10.93 1.39 21.90
N GLN B 213 -11.82 1.42 22.89
CA GLN B 213 -13.22 1.08 22.68
C GLN B 213 -14.08 2.23 23.18
N PHE B 214 -15.12 2.58 22.40
CA PHE B 214 -16.02 3.65 22.79
C PHE B 214 -16.94 3.22 23.93
N PRO B 215 -17.18 4.14 24.89
CA PRO B 215 -17.94 3.83 26.10
C PRO B 215 -19.39 3.45 25.81
N THR B 216 -19.83 2.34 26.41
CA THR B 216 -21.20 1.87 26.24
C THR B 216 -21.91 1.78 27.59
N ASP B 217 -21.56 2.67 28.51
CA ASP B 217 -22.13 2.67 29.85
C ASP B 217 -23.32 3.62 29.99
N ASP B 218 -23.15 4.84 29.51
CA ASP B 218 -24.23 5.82 29.54
C ASP B 218 -25.39 5.37 28.66
N GLU B 219 -26.61 5.50 29.17
CA GLU B 219 -27.80 5.04 28.46
C GLU B 219 -27.92 5.67 27.07
N ALA B 220 -27.56 6.93 26.96
CA ALA B 220 -27.56 7.63 25.68
C ALA B 220 -26.26 8.39 25.47
N VAL B 221 -25.54 8.05 24.41
CA VAL B 221 -25.98 7.02 23.46
C VAL B 221 -25.03 5.84 23.41
N SER B 222 -25.35 4.79 24.16
CA SER B 222 -24.58 3.55 24.14
C SER B 222 -24.89 2.80 22.85
N GLU B 223 -26.08 3.03 22.31
CA GLU B 223 -26.50 2.38 21.08
C GLU B 223 -25.60 2.80 19.92
N THR B 224 -25.29 4.09 19.85
CA THR B 224 -24.40 4.61 18.82
C THR B 224 -22.99 4.05 18.99
N ASN B 225 -22.46 4.13 20.20
CA ASN B 225 -21.11 3.67 20.49
C ASN B 225 -20.93 2.17 20.33
N SER B 226 -21.98 1.40 20.60
CA SER B 226 -21.94 -0.04 20.41
C SER B 226 -21.74 -0.39 18.94
N VAL B 227 -22.43 0.34 18.08
CA VAL B 227 -22.31 0.14 16.64
C VAL B 227 -20.93 0.56 16.14
N MET B 228 -20.39 1.62 16.74
CA MET B 228 -19.07 2.11 16.39
C MET B 228 -17.99 1.07 16.67
N ASN B 229 -18.07 0.43 17.82
CA ASN B 229 -17.10 -0.60 18.20
C ASN B 229 -17.20 -1.82 17.28
N GLN B 230 -18.38 -2.07 16.75
CA GLN B 230 -18.60 -3.18 15.84
C GLN B 230 -17.97 -2.92 14.47
N HIS B 231 -17.74 -1.65 14.16
CA HIS B 231 -17.18 -1.27 12.87
C HIS B 231 -15.66 -1.19 12.87
N ILE B 232 -15.07 -1.22 14.06
CA ILE B 232 -13.61 -1.19 14.20
C ILE B 232 -13.01 -2.49 13.65
N PRO B 233 -12.01 -2.39 12.76
CA PRO B 233 -11.35 -1.16 12.28
C PRO B 233 -12.14 -0.46 11.17
N PHE B 234 -12.27 0.85 11.27
CA PHE B 234 -13.06 1.62 10.32
C PHE B 234 -12.49 1.59 8.90
N ALA B 235 -13.32 1.17 7.96
CA ALA B 235 -12.97 1.22 6.55
C ALA B 235 -13.16 2.65 6.05
N VAL B 236 -12.06 3.39 5.95
CA VAL B 236 -12.13 4.82 5.67
C VAL B 236 -11.80 5.20 4.23
N VAL B 237 -12.48 6.22 3.74
CA VAL B 237 -12.20 6.80 2.44
C VAL B 237 -12.17 8.32 2.57
N GLY B 238 -11.08 8.93 2.10
CA GLY B 238 -10.98 10.38 2.12
C GLY B 238 -10.95 10.98 0.73
N SER B 239 -11.30 12.26 0.63
CA SER B 239 -11.25 12.96 -0.65
C SER B 239 -11.19 14.48 -0.49
N SER B 240 -10.36 15.13 -1.29
CA SER B 240 -10.29 16.59 -1.29
C SER B 240 -11.25 17.17 -2.32
N GLU B 241 -11.74 16.31 -3.21
CA GLU B 241 -12.69 16.73 -4.24
C GLU B 241 -14.11 16.66 -3.70
N GLU B 242 -14.93 17.64 -4.07
CA GLU B 242 -16.30 17.71 -3.58
C GLU B 242 -17.26 18.26 -4.63
N VAL B 243 -18.48 17.74 -4.62
CA VAL B 243 -19.52 18.19 -5.53
C VAL B 243 -20.75 18.62 -4.76
N LYS B 244 -21.71 19.22 -5.47
CA LYS B 244 -22.96 19.65 -4.85
C LYS B 244 -24.09 18.72 -5.26
N ILE B 245 -24.64 18.01 -4.27
CA ILE B 245 -25.77 17.12 -4.53
C ILE B 245 -26.95 17.50 -3.65
N ASN B 246 -28.05 17.90 -4.31
CA ASN B 246 -29.26 18.33 -3.62
C ASN B 246 -29.02 19.48 -2.64
N GLY B 247 -28.19 20.43 -3.07
CA GLY B 247 -27.94 21.64 -2.29
C GLY B 247 -26.92 21.44 -1.18
N LYS B 248 -26.29 20.27 -1.13
CA LYS B 248 -25.31 19.97 -0.10
C LYS B 248 -23.98 19.53 -0.70
N THR B 249 -22.88 20.00 -0.10
CA THR B 249 -21.55 19.63 -0.56
C THR B 249 -21.19 18.22 -0.11
N VAL B 250 -20.79 17.39 -1.07
CA VAL B 250 -20.45 15.99 -0.78
C VAL B 250 -19.07 15.64 -1.33
N ARG B 251 -18.21 15.10 -0.47
CA ARG B 251 -16.88 14.68 -0.90
C ARG B 251 -16.93 13.33 -1.59
N VAL B 252 -16.30 13.24 -2.76
CA VAL B 252 -16.32 12.00 -3.54
C VAL B 252 -14.98 11.71 -4.21
N ARG B 253 -14.76 10.44 -4.53
CA ARG B 253 -13.65 10.05 -5.40
C ARG B 253 -14.23 9.54 -6.71
N GLN B 254 -13.97 10.26 -7.79
CA GLN B 254 -14.62 9.98 -9.07
C GLN B 254 -13.75 9.16 -10.03
N TYR B 255 -14.22 7.96 -10.35
CA TYR B 255 -13.54 7.07 -11.28
C TYR B 255 -14.38 6.95 -12.55
N PRO B 256 -13.78 6.48 -13.66
CA PRO B 256 -14.53 6.26 -14.90
C PRO B 256 -15.69 5.28 -14.74
N TRP B 257 -15.60 4.39 -13.75
CA TRP B 257 -16.63 3.38 -13.54
C TRP B 257 -17.64 3.78 -12.46
N GLY B 258 -17.38 4.88 -11.77
CA GLY B 258 -18.29 5.35 -10.73
C GLY B 258 -17.62 6.25 -9.71
N SER B 259 -18.42 6.74 -8.76
CA SER B 259 -17.91 7.67 -7.75
C SER B 259 -18.16 7.14 -6.34
N VAL B 260 -17.09 7.11 -5.54
CA VAL B 260 -17.19 6.72 -4.15
C VAL B 260 -17.73 7.89 -3.33
N GLN B 261 -18.80 7.65 -2.58
CA GLN B 261 -19.37 8.70 -1.73
C GLN B 261 -18.95 8.50 -0.29
N VAL B 262 -18.13 9.42 0.21
CA VAL B 262 -17.53 9.32 1.54
C VAL B 262 -18.58 9.26 2.65
N GLU B 263 -19.62 10.08 2.51
CA GLU B 263 -20.66 10.16 3.53
C GLU B 263 -21.70 9.03 3.41
N ASN B 264 -21.52 8.17 2.41
CA ASN B 264 -22.43 7.04 2.22
C ASN B 264 -21.99 5.85 3.06
N GLU B 265 -22.84 5.44 3.99
CA GLU B 265 -22.54 4.34 4.88
C GLU B 265 -22.44 3.00 4.14
N ASN B 266 -23.02 2.95 2.95
CA ASN B 266 -22.97 1.75 2.12
C ASN B 266 -21.67 1.67 1.33
N HIS B 267 -20.90 2.75 1.35
CA HIS B 267 -19.63 2.80 0.63
C HIS B 267 -18.42 2.63 1.55
N CYS B 268 -18.45 3.28 2.70
CA CYS B 268 -17.38 3.16 3.69
C CYS B 268 -17.88 3.48 5.10
N ASP B 269 -16.97 3.42 6.06
CA ASP B 269 -17.32 3.60 7.48
C ASP B 269 -17.00 5.00 7.99
N PHE B 270 -16.80 5.95 7.08
CA PHE B 270 -16.44 7.31 7.47
C PHE B 270 -17.45 7.96 8.41
N VAL B 271 -18.73 7.77 8.14
CA VAL B 271 -19.79 8.35 8.96
C VAL B 271 -19.74 7.81 10.38
N ARG B 272 -19.27 6.58 10.53
CA ARG B 272 -19.12 5.99 11.85
C ARG B 272 -17.91 6.55 12.57
N LEU B 273 -16.86 6.83 11.81
CA LEU B 273 -15.65 7.41 12.37
C LEU B 273 -15.87 8.87 12.77
N ARG B 274 -16.72 9.57 12.03
CA ARG B 274 -16.99 10.98 12.32
C ARG B 274 -17.77 11.15 13.62
N GLU B 275 -18.40 10.06 14.07
CA GLU B 275 -19.13 10.08 15.34
C GLU B 275 -18.18 10.13 16.54
N MET B 276 -16.88 10.00 16.27
CA MET B 276 -15.85 10.18 17.29
C MET B 276 -15.80 11.65 17.71
N LEU B 277 -16.26 12.53 16.81
CA LEU B 277 -16.23 13.96 17.06
C LEU B 277 -17.41 14.44 17.89
N LEU B 278 -18.28 13.50 18.28
CA LEU B 278 -19.36 13.83 19.21
C LEU B 278 -18.75 14.25 20.54
N ARG B 279 -19.35 15.25 21.18
CA ARG B 279 -18.82 15.85 22.39
C ARG B 279 -18.54 14.82 23.49
N VAL B 280 -19.46 13.88 23.65
CA VAL B 280 -19.31 12.86 24.68
C VAL B 280 -18.13 11.92 24.38
N ASN B 281 -17.92 11.62 23.10
CA ASN B 281 -16.83 10.74 22.71
C ASN B 281 -15.46 11.39 22.77
N MET B 282 -15.40 12.68 22.43
CA MET B 282 -14.15 13.43 22.55
C MET B 282 -13.75 13.59 24.00
N GLU B 283 -14.73 13.82 24.87
CA GLU B 283 -14.48 13.98 26.30
C GLU B 283 -14.02 12.68 26.94
N ASP B 284 -14.57 11.56 26.47
CA ASP B 284 -14.16 10.25 26.96
C ASP B 284 -12.72 9.94 26.53
N LEU B 285 -12.38 10.35 25.32
CA LEU B 285 -11.02 10.18 24.81
C LEU B 285 -10.03 11.02 25.62
N ARG B 286 -10.42 12.26 25.92
CA ARG B 286 -9.60 13.15 26.72
C ARG B 286 -9.44 12.64 28.15
N GLU B 287 -10.53 12.15 28.73
CA GLU B 287 -10.53 11.69 30.11
C GLU B 287 -9.63 10.46 30.29
N ARG B 288 -9.70 9.53 29.36
CA ARG B 288 -8.87 8.33 29.42
C ARG B 288 -7.40 8.68 29.24
N THR B 289 -7.13 9.67 28.39
CA THR B 289 -5.77 10.13 28.18
C THR B 289 -5.20 10.72 29.47
N HIS B 290 -6.00 11.56 30.13
CA HIS B 290 -5.59 12.24 31.35
C HIS B 290 -5.52 11.29 32.54
N GLY B 291 -6.56 10.47 32.70
CA GLY B 291 -6.71 9.65 33.88
C GLY B 291 -6.01 8.30 33.84
N VAL B 292 -5.67 7.82 32.65
CA VAL B 292 -5.05 6.50 32.52
C VAL B 292 -3.67 6.55 31.88
N HIS B 293 -3.61 6.98 30.62
CA HIS B 293 -2.35 6.99 29.87
C HIS B 293 -1.30 7.94 30.48
N TYR B 294 -1.73 9.15 30.80
CA TYR B 294 -0.83 10.14 31.38
C TYR B 294 -0.34 9.71 32.78
N GLU B 295 -1.24 9.10 33.55
CA GLU B 295 -0.89 8.65 34.90
C GLU B 295 0.14 7.55 34.88
N THR B 296 0.06 6.68 33.87
CA THR B 296 1.04 5.62 33.68
C THR B 296 2.43 6.21 33.48
N TYR B 297 2.51 7.22 32.62
CA TYR B 297 3.76 7.93 32.37
C TYR B 297 4.25 8.66 33.62
N ARG B 298 3.30 9.28 34.32
CA ARG B 298 3.62 10.07 35.50
C ARG B 298 4.25 9.23 36.62
N ARG B 299 3.68 8.06 36.88
CA ARG B 299 4.18 7.18 37.94
C ARG B 299 5.62 6.76 37.70
N GLN B 300 5.96 6.45 36.45
CA GLN B 300 7.31 6.05 36.10
C GLN B 300 8.29 7.20 36.27
N ARG B 301 7.87 8.40 35.88
CA ARG B 301 8.71 9.59 35.99
C ARG B 301 8.94 10.00 37.44
N LEU B 302 7.93 9.85 38.28
CA LEU B 302 8.05 10.18 39.69
C LEU B 302 9.09 9.30 40.38
N ILE B 303 9.15 8.04 39.96
CA ILE B 303 10.15 7.10 40.48
C ILE B 303 11.54 7.50 40.00
N GLU B 304 11.66 7.82 38.71
CA GLU B 304 12.94 8.23 38.14
C GLU B 304 13.45 9.53 38.76
N MET B 305 12.53 10.42 39.11
CA MET B 305 12.87 11.70 39.71
C MET B 305 13.37 11.55 41.14
N GLY B 306 12.81 10.59 41.86
CA GLY B 306 13.18 10.34 43.24
C GLY B 306 12.76 11.45 44.17
#